data_4WRS
#
_entry.id   4WRS
#
_cell.length_a   97.815
_cell.length_b   97.815
_cell.length_c   80.585
_cell.angle_alpha   90.00
_cell.angle_beta   90.00
_cell.angle_gamma   120.00
#
_symmetry.space_group_name_H-M   'P 65'
#
loop_
_entity.id
_entity.type
_entity.pdbx_description
1 polymer 'Serine/threonine-protein kinase pim-1'
2 non-polymer GLYCEROL
3 non-polymer 3-{6-[(4R)-6-azaspiro[2.5]oct-4-yloxy]pyrazin-2-yl}-5-(2,6-difluorophenyl)-1H-indazole
4 water water
#
_entity_poly.entity_id   1
_entity_poly.type   'polypeptide(L)'
_entity_poly.pdbx_seq_one_letter_code
;MAHHHHHHDEVDGPLESQYQVGPLLGSGGFGSVYSGIRVSDNLPVAIKHVEKDRISDWGELPNGTRVPMEVVLLKKVSSG
FSGVIRLLDWFERPDSFVLILERPEPVQDLFDFITERGALQEELARSFFWQVLEAVRHCHNCGVLHRDIKDENILIDLNR
GELKLIDFGSGALLKDTVYTDFDGTRVYSPPEWIRYHRYHGRSAAVWSLGILLYDMVCGDIPFEHDEEIIRGQVFFRQRV
SSECQHLIRWCLALRPSDRPTFEEIQNHPWMQDVLLPQETAEIHLH
;
_entity_poly.pdbx_strand_id   A
#
loop_
_chem_comp.id
_chem_comp.type
_chem_comp.name
_chem_comp.formula
3U1 non-polymer 3-{6-[(4R)-6-azaspiro[2.5]oct-4-yloxy]pyrazin-2-yl}-5-(2,6-difluorophenyl)-1H-indazole 'C24 H21 F2 N5 O'
GOL non-polymer GLYCEROL 'C3 H8 O3'
#
# COMPACT_ATOMS: atom_id res chain seq x y z
N PRO A 14 -18.58 -24.64 -2.01
CA PRO A 14 -17.27 -24.13 -2.36
C PRO A 14 -17.10 -22.68 -1.85
N LEU A 15 -17.46 -21.68 -2.67
CA LEU A 15 -17.52 -20.29 -2.23
C LEU A 15 -18.90 -19.98 -1.66
N GLU A 16 -19.93 -20.62 -2.23
CA GLU A 16 -21.33 -20.27 -1.96
C GLU A 16 -21.65 -20.53 -0.50
N SER A 17 -21.30 -21.72 -0.01
CA SER A 17 -21.66 -22.14 1.33
C SER A 17 -20.72 -21.57 2.41
N GLN A 18 -19.42 -21.53 2.12
CA GLN A 18 -18.43 -21.13 3.13
C GLN A 18 -18.51 -19.68 3.57
N TYR A 19 -18.97 -18.80 2.70
CA TYR A 19 -19.00 -17.37 3.00
C TYR A 19 -20.37 -16.75 2.80
N GLN A 20 -20.77 -15.92 3.76
CA GLN A 20 -21.99 -15.14 3.69
C GLN A 20 -21.63 -13.75 3.19
N VAL A 21 -22.20 -13.34 2.06
CA VAL A 21 -21.85 -12.09 1.42
C VAL A 21 -22.64 -10.92 2.00
N GLY A 22 -21.94 -9.80 2.20
CA GLY A 22 -22.51 -8.60 2.79
C GLY A 22 -22.53 -7.50 1.75
N PRO A 23 -22.56 -6.24 2.21
CA PRO A 23 -22.64 -5.13 1.27
C PRO A 23 -21.37 -4.91 0.43
N LEU A 24 -21.55 -4.29 -0.73
CA LEU A 24 -20.47 -3.84 -1.58
C LEU A 24 -19.66 -2.76 -0.85
N LEU A 25 -18.35 -2.97 -0.71
CA LEU A 25 -17.51 -1.95 -0.08
C LEU A 25 -17.05 -0.93 -1.11
N GLY A 26 -16.90 -1.34 -2.36
CA GLY A 26 -16.51 -0.42 -3.42
C GLY A 26 -15.92 -1.18 -4.59
N SER A 27 -15.54 -0.45 -5.63
CA SER A 27 -15.05 -1.07 -6.85
C SER A 27 -14.15 -0.09 -7.58
N GLY A 28 -13.32 -0.60 -8.47
CA GLY A 28 -12.42 0.27 -9.24
C GLY A 28 -11.53 -0.52 -10.17
N GLY A 29 -10.32 -0.01 -10.41
CA GLY A 29 -9.32 -0.72 -11.21
C GLY A 29 -9.03 -2.10 -10.61
N PHE A 30 -9.14 -2.20 -9.30
CA PHE A 30 -8.97 -3.48 -8.57
C PHE A 30 -10.09 -4.51 -8.72
N GLY A 31 -11.24 -4.11 -9.28
CA GLY A 31 -12.41 -5.01 -9.38
C GLY A 31 -13.50 -4.59 -8.39
N SER A 32 -14.17 -5.55 -7.78
CA SER A 32 -15.25 -5.24 -6.84
C SER A 32 -15.03 -5.99 -5.56
N VAL A 33 -15.13 -5.28 -4.44
CA VAL A 33 -14.87 -5.86 -3.13
C VAL A 33 -16.12 -5.77 -2.24
N TYR A 34 -16.44 -6.87 -1.56
CA TYR A 34 -17.61 -6.97 -0.69
C TYR A 34 -17.21 -7.30 0.73
N SER A 35 -17.94 -6.76 1.70
CA SER A 35 -17.86 -7.26 3.05
C SER A 35 -18.44 -8.66 3.09
N GLY A 36 -18.04 -9.43 4.09
CA GLY A 36 -18.40 -10.82 4.15
C GLY A 36 -18.02 -11.43 5.48
N ILE A 37 -18.53 -12.62 5.72
CA ILE A 37 -18.30 -13.33 6.97
C ILE A 37 -18.07 -14.80 6.62
N ARG A 38 -17.07 -15.41 7.23
CA ARG A 38 -16.84 -16.83 7.03
C ARG A 38 -17.81 -17.60 7.91
N VAL A 39 -18.63 -18.44 7.27
CA VAL A 39 -19.76 -19.09 7.95
C VAL A 39 -19.30 -19.95 9.14
N SER A 40 -18.22 -20.70 8.97
CA SER A 40 -17.79 -21.66 9.99
C SER A 40 -17.53 -21.04 11.36
N ASP A 41 -16.79 -19.93 11.41
CA ASP A 41 -16.43 -19.30 12.68
C ASP A 41 -16.81 -17.82 12.78
N ASN A 42 -17.67 -17.34 11.89
CA ASN A 42 -18.03 -15.92 11.81
C ASN A 42 -16.84 -14.94 11.65
N LEU A 43 -15.74 -15.40 11.06
CA LEU A 43 -14.58 -14.54 10.86
C LEU A 43 -14.94 -13.46 9.85
N PRO A 44 -14.70 -12.18 10.20
CA PRO A 44 -14.94 -11.13 9.20
C PRO A 44 -13.96 -11.25 8.03
N VAL A 45 -14.47 -11.13 6.80
CA VAL A 45 -13.64 -11.20 5.61
C VAL A 45 -14.01 -10.13 4.61
N ALA A 46 -13.17 -10.00 3.60
CA ALA A 46 -13.43 -9.16 2.46
C ALA A 46 -13.35 -10.08 1.26
N ILE A 47 -14.26 -9.89 0.30
CA ILE A 47 -14.40 -10.79 -0.82
C ILE A 47 -14.21 -9.98 -2.06
N LYS A 48 -13.18 -10.29 -2.82
CA LYS A 48 -12.76 -9.47 -3.93
C LYS A 48 -12.92 -10.23 -5.22
N HIS A 49 -13.62 -9.63 -6.18
CA HIS A 49 -13.89 -10.24 -7.47
C HIS A 49 -13.17 -9.48 -8.55
N VAL A 50 -12.49 -10.22 -9.42
CA VAL A 50 -11.76 -9.63 -10.56
C VAL A 50 -12.10 -10.40 -11.83
N GLU A 51 -12.54 -9.69 -12.87
CA GLU A 51 -12.82 -10.34 -14.16
C GLU A 51 -11.51 -10.65 -14.89
N LYS A 52 -11.50 -11.79 -15.58
CA LYS A 52 -10.31 -12.25 -16.30
C LYS A 52 -9.89 -11.32 -17.43
N ASP A 53 -10.86 -10.70 -18.09
CA ASP A 53 -10.58 -9.74 -19.14
C ASP A 53 -9.79 -8.55 -18.63
N ARG A 54 -10.08 -8.11 -17.41
CA ARG A 54 -9.41 -6.94 -16.84
C ARG A 54 -8.01 -7.25 -16.32
N ILE A 55 -7.70 -8.53 -16.13
CA ILE A 55 -6.36 -8.93 -15.69
C ILE A 55 -5.40 -8.98 -16.88
N SER A 56 -4.45 -8.04 -16.91
CA SER A 56 -3.37 -8.03 -17.90
C SER A 56 -2.15 -8.78 -17.41
N ASP A 57 -1.96 -8.80 -16.09
CA ASP A 57 -0.74 -9.36 -15.48
C ASP A 57 -0.99 -10.72 -14.83
N TRP A 58 -0.58 -11.77 -15.52
CA TRP A 58 -0.76 -13.14 -15.04
C TRP A 58 0.54 -13.71 -14.49
N GLY A 59 0.40 -14.70 -13.59
CA GLY A 59 1.55 -15.38 -13.00
C GLY A 59 1.26 -16.85 -12.83
N GLU A 60 2.22 -17.58 -12.29
CA GLU A 60 2.10 -19.02 -12.15
C GLU A 60 2.48 -19.48 -10.75
N LEU A 61 1.70 -20.39 -10.19
CA LEU A 61 1.97 -20.93 -8.87
C LEU A 61 3.09 -21.98 -8.92
N PRO A 62 3.64 -22.35 -7.75
CA PRO A 62 4.49 -23.55 -7.66
C PRO A 62 3.80 -24.80 -8.22
N ASN A 63 2.47 -24.85 -8.14
CA ASN A 63 1.67 -25.90 -8.77
C ASN A 63 1.73 -25.90 -10.31
N GLY A 64 2.21 -24.80 -10.89
CA GLY A 64 2.19 -24.63 -12.33
C GLY A 64 0.80 -24.24 -12.82
N THR A 65 0.07 -23.46 -12.03
CA THR A 65 -1.32 -23.09 -12.35
C THR A 65 -1.41 -21.61 -12.70
N ARG A 66 -2.18 -21.31 -13.74
CA ARG A 66 -2.27 -19.95 -14.29
C ARG A 66 -3.25 -19.09 -13.47
N VAL A 67 -2.70 -18.21 -12.63
CA VAL A 67 -3.51 -17.34 -11.76
C VAL A 67 -3.14 -15.86 -11.97
N PRO A 68 -3.91 -14.94 -11.38
CA PRO A 68 -3.50 -13.53 -11.42
C PRO A 68 -2.25 -13.29 -10.55
N MET A 69 -1.33 -12.47 -11.04
CA MET A 69 -0.08 -12.17 -10.32
C MET A 69 -0.37 -11.82 -8.85
N GLU A 70 -1.43 -11.06 -8.64
CA GLU A 70 -1.87 -10.70 -7.30
C GLU A 70 -1.94 -11.89 -6.34
N VAL A 71 -2.45 -13.02 -6.81
CA VAL A 71 -2.52 -14.23 -6.00
C VAL A 71 -1.11 -14.76 -5.69
N VAL A 72 -0.24 -14.76 -6.69
CA VAL A 72 1.16 -15.17 -6.48
C VAL A 72 1.82 -14.31 -5.39
N LEU A 73 1.69 -12.99 -5.55
CA LEU A 73 2.33 -12.04 -4.64
C LEU A 73 1.82 -12.19 -3.22
N LEU A 74 0.51 -12.30 -3.07
CA LEU A 74 -0.09 -12.44 -1.73
C LEU A 74 0.35 -13.71 -1.02
N LYS A 75 0.48 -14.80 -1.76
CA LYS A 75 0.95 -16.05 -1.17
C LYS A 75 2.40 -15.94 -0.74
N LYS A 76 3.22 -15.22 -1.51
CA LYS A 76 4.62 -15.03 -1.14
C LYS A 76 4.82 -14.17 0.12
N VAL A 77 3.88 -13.24 0.40
CA VAL A 77 3.99 -12.37 1.59
C VAL A 77 3.11 -12.78 2.77
N SER A 78 2.21 -13.73 2.56
CA SER A 78 1.28 -14.13 3.60
C SER A 78 1.97 -15.01 4.65
N SER A 79 2.23 -14.42 5.81
CA SER A 79 2.77 -15.12 6.96
C SER A 79 2.31 -14.39 8.23
N GLY A 80 2.74 -14.87 9.40
CA GLY A 80 2.32 -14.28 10.69
C GLY A 80 2.41 -12.75 10.82
N PHE A 81 3.26 -12.13 10.00
CA PHE A 81 3.40 -10.67 10.02
C PHE A 81 2.14 -9.97 9.56
N SER A 82 1.65 -9.05 10.38
CA SER A 82 0.33 -8.47 10.17
C SER A 82 0.31 -7.13 9.43
N GLY A 83 1.47 -6.67 8.93
CA GLY A 83 1.52 -5.43 8.14
C GLY A 83 1.02 -5.55 6.70
N VAL A 84 0.74 -6.78 6.26
CA VAL A 84 0.15 -7.05 4.95
C VAL A 84 -1.16 -7.81 5.11
N ILE A 85 -2.17 -7.43 4.32
CA ILE A 85 -3.45 -8.11 4.30
C ILE A 85 -3.27 -9.60 3.93
N ARG A 86 -3.74 -10.50 4.78
CA ARG A 86 -3.59 -11.95 4.55
C ARG A 86 -4.60 -12.46 3.50
N LEU A 87 -4.11 -13.26 2.55
CA LEU A 87 -4.98 -14.00 1.64
C LEU A 87 -5.43 -15.29 2.32
N LEU A 88 -6.72 -15.40 2.62
CA LEU A 88 -7.23 -16.58 3.34
C LEU A 88 -7.59 -17.73 2.40
N ASP A 89 -8.08 -17.39 1.21
CA ASP A 89 -8.42 -18.39 0.21
C ASP A 89 -8.67 -17.68 -1.10
N TRP A 90 -8.77 -18.45 -2.17
CA TRP A 90 -9.12 -17.91 -3.48
C TRP A 90 -9.80 -18.99 -4.33
N PHE A 91 -10.51 -18.56 -5.37
CA PHE A 91 -11.24 -19.46 -6.25
C PHE A 91 -11.23 -18.95 -7.66
N GLU A 92 -11.18 -19.86 -8.62
CA GLU A 92 -11.38 -19.52 -10.01
C GLU A 92 -12.84 -19.78 -10.40
N ARG A 93 -13.36 -18.90 -11.26
CA ARG A 93 -14.68 -19.04 -11.85
C ARG A 93 -14.50 -18.94 -13.35
N PRO A 94 -15.56 -19.26 -14.12
CA PRO A 94 -15.39 -19.23 -15.57
C PRO A 94 -14.81 -17.91 -16.09
N ASP A 95 -15.32 -16.77 -15.63
CA ASP A 95 -14.84 -15.49 -16.13
C ASP A 95 -14.23 -14.57 -15.07
N SER A 96 -13.94 -15.10 -13.90
CA SER A 96 -13.42 -14.26 -12.81
C SER A 96 -12.60 -15.06 -11.80
N PHE A 97 -11.84 -14.32 -10.99
CA PHE A 97 -11.21 -14.89 -9.80
C PHE A 97 -11.79 -14.21 -8.58
N VAL A 98 -11.92 -14.98 -7.50
CA VAL A 98 -12.42 -14.46 -6.25
C VAL A 98 -11.39 -14.69 -5.17
N LEU A 99 -11.09 -13.63 -4.42
CA LEU A 99 -10.09 -13.68 -3.37
C LEU A 99 -10.75 -13.42 -2.03
N ILE A 100 -10.47 -14.26 -1.05
CA ILE A 100 -10.97 -14.04 0.29
C ILE A 100 -9.82 -13.47 1.10
N LEU A 101 -9.99 -12.24 1.58
CA LEU A 101 -8.95 -11.53 2.29
C LEU A 101 -9.43 -11.28 3.69
N GLU A 102 -8.49 -11.04 4.60
CA GLU A 102 -8.84 -10.72 5.97
C GLU A 102 -9.55 -9.36 6.01
N ARG A 103 -10.33 -9.14 7.05
CA ARG A 103 -11.01 -7.86 7.25
C ARG A 103 -10.96 -7.50 8.73
N PRO A 104 -10.13 -6.51 9.10
CA PRO A 104 -10.17 -5.97 10.46
C PRO A 104 -11.47 -5.22 10.68
N GLU A 105 -11.84 -5.08 11.94
CA GLU A 105 -13.17 -4.61 12.31
C GLU A 105 -13.13 -3.98 13.69
N PRO A 106 -13.30 -2.65 13.81
CA PRO A 106 -13.55 -1.64 12.78
C PRO A 106 -12.29 -1.25 12.00
N VAL A 107 -12.50 -0.81 10.77
CA VAL A 107 -11.42 -0.48 9.87
C VAL A 107 -11.77 0.79 9.12
N GLN A 108 -10.74 1.51 8.68
CA GLN A 108 -10.89 2.65 7.80
C GLN A 108 -9.62 2.79 6.95
N ASP A 109 -9.78 3.06 5.66
CA ASP A 109 -8.61 3.23 4.81
C ASP A 109 -7.99 4.61 5.08
N LEU A 110 -6.69 4.73 4.82
CA LEU A 110 -5.97 5.92 5.21
C LEU A 110 -6.42 7.16 4.44
N PHE A 111 -6.85 6.99 3.19
CA PHE A 111 -7.39 8.09 2.41
C PHE A 111 -8.62 8.73 3.10
N ASP A 112 -9.55 7.89 3.55
CA ASP A 112 -10.74 8.39 4.25
C ASP A 112 -10.36 9.02 5.58
N PHE A 113 -9.42 8.40 6.27
CA PHE A 113 -8.95 8.90 7.56
C PHE A 113 -8.32 10.28 7.45
N ILE A 114 -7.51 10.49 6.42
CA ILE A 114 -6.88 11.79 6.19
C ILE A 114 -7.90 12.84 5.72
N THR A 115 -8.82 12.42 4.88
CA THR A 115 -9.92 13.28 4.43
C THR A 115 -10.70 13.84 5.63
N GLU A 116 -10.99 13.00 6.62
CA GLU A 116 -11.72 13.44 7.82
C GLU A 116 -10.90 14.30 8.77
N ARG A 117 -9.65 13.92 9.02
CA ARG A 117 -8.81 14.67 9.95
C ARG A 117 -8.07 15.82 9.36
N GLY A 118 -7.85 15.81 8.04
CA GLY A 118 -6.87 16.71 7.44
C GLY A 118 -5.46 16.27 7.83
N ALA A 119 -4.51 17.19 7.75
CA ALA A 119 -3.12 16.89 8.06
C ALA A 119 -2.99 16.18 9.40
N LEU A 120 -2.19 15.12 9.46
CA LEU A 120 -1.98 14.37 10.69
C LEU A 120 -0.87 14.98 11.52
N GLN A 121 -1.04 14.95 12.83
CA GLN A 121 0.03 15.30 13.78
C GLN A 121 1.24 14.45 13.49
N GLU A 122 2.42 15.02 13.67
CA GLU A 122 3.66 14.34 13.30
C GLU A 122 3.87 13.02 14.05
N GLU A 123 3.46 12.98 15.31
CA GLU A 123 3.62 11.76 16.11
C GLU A 123 2.83 10.61 15.50
N LEU A 124 1.62 10.92 15.05
CA LEU A 124 0.78 9.94 14.42
C LEU A 124 1.31 9.54 13.03
N ALA A 125 1.72 10.54 12.24
CA ALA A 125 2.28 10.28 10.92
C ALA A 125 3.52 9.38 11.03
N ARG A 126 4.35 9.62 12.05
CA ARG A 126 5.54 8.83 12.31
C ARG A 126 5.18 7.35 12.56
N SER A 127 4.22 7.12 13.46
CA SER A 127 3.78 5.75 13.75
C SER A 127 3.27 5.05 12.52
N PHE A 128 2.40 5.74 11.78
CA PHE A 128 1.82 5.21 10.56
C PHE A 128 2.91 4.94 9.50
N PHE A 129 3.75 5.93 9.26
CA PHE A 129 4.77 5.81 8.23
C PHE A 129 5.75 4.67 8.57
N TRP A 130 6.14 4.58 9.83
CA TRP A 130 7.00 3.50 10.31
C TRP A 130 6.40 2.14 10.00
N GLN A 131 5.11 1.97 10.28
CA GLN A 131 4.44 0.68 10.00
C GLN A 131 4.34 0.38 8.51
N VAL A 132 4.15 1.41 7.70
CA VAL A 132 4.16 1.22 6.26
C VAL A 132 5.55 0.72 5.85
N LEU A 133 6.59 1.37 6.36
CA LEU A 133 7.95 0.95 6.07
C LEU A 133 8.22 -0.51 6.45
N GLU A 134 7.79 -0.92 7.63
CA GLU A 134 7.98 -2.31 8.05
C GLU A 134 7.27 -3.26 7.08
N ALA A 135 6.07 -2.88 6.65
CA ALA A 135 5.29 -3.69 5.72
C ALA A 135 5.94 -3.80 4.33
N VAL A 136 6.47 -2.67 3.84
CA VAL A 136 7.12 -2.66 2.53
C VAL A 136 8.42 -3.45 2.56
N ARG A 137 9.17 -3.33 3.65
CA ARG A 137 10.39 -4.11 3.81
C ARG A 137 10.06 -5.61 3.79
N HIS A 138 8.98 -5.99 4.48
CA HIS A 138 8.55 -7.38 4.49
C HIS A 138 8.26 -7.86 3.07
N CYS A 139 7.51 -7.08 2.30
CA CYS A 139 7.24 -7.44 0.91
C CYS A 139 8.55 -7.64 0.13
N HIS A 140 9.45 -6.67 0.24
CA HIS A 140 10.71 -6.72 -0.51
C HIS A 140 11.55 -7.95 -0.11
N ASN A 141 11.62 -8.24 1.18
CA ASN A 141 12.24 -9.48 1.67
C ASN A 141 11.65 -10.77 1.11
N CYS A 142 10.35 -10.76 0.81
CA CYS A 142 9.67 -11.93 0.26
C CYS A 142 9.63 -11.93 -1.26
N GLY A 143 10.35 -11.00 -1.89
CA GLY A 143 10.45 -10.95 -3.36
C GLY A 143 9.32 -10.23 -4.07
N VAL A 144 8.60 -9.36 -3.34
CA VAL A 144 7.39 -8.69 -3.85
C VAL A 144 7.49 -7.15 -3.86
N LEU A 145 7.16 -6.55 -5.00
CA LEU A 145 7.10 -5.11 -5.18
C LEU A 145 5.62 -4.73 -5.35
N HIS A 146 5.12 -3.86 -4.48
CA HIS A 146 3.69 -3.49 -4.49
C HIS A 146 3.33 -2.63 -5.70
N ARG A 147 4.15 -1.60 -5.95
CA ARG A 147 4.00 -0.67 -7.10
C ARG A 147 2.79 0.29 -7.07
N ASP A 148 2.08 0.33 -5.96
CA ASP A 148 0.93 1.24 -5.83
C ASP A 148 0.72 1.63 -4.36
N ILE A 149 1.82 1.94 -3.67
CA ILE A 149 1.75 2.38 -2.28
C ILE A 149 1.09 3.76 -2.28
N LYS A 150 -0.02 3.89 -1.56
CA LYS A 150 -0.74 5.16 -1.40
C LYS A 150 -1.79 5.03 -0.29
N ASP A 151 -2.35 6.16 0.14
CA ASP A 151 -3.32 6.19 1.24
C ASP A 151 -4.51 5.22 1.04
N GLU A 152 -5.05 5.15 -0.18
CA GLU A 152 -6.18 4.25 -0.49
C GLU A 152 -5.85 2.77 -0.31
N ASN A 153 -4.57 2.42 -0.44
CA ASN A 153 -4.12 1.02 -0.33
C ASN A 153 -3.54 0.65 1.02
N ILE A 154 -3.88 1.43 2.03
CA ILE A 154 -3.48 1.18 3.40
C ILE A 154 -4.73 1.21 4.30
N LEU A 155 -4.93 0.14 5.07
CA LEU A 155 -6.04 0.07 6.03
C LEU A 155 -5.55 0.27 7.45
N ILE A 156 -6.38 0.95 8.26
CA ILE A 156 -6.08 1.14 9.66
C ILE A 156 -7.03 0.26 10.48
N ASP A 157 -6.45 -0.65 11.26
CA ASP A 157 -7.16 -1.39 12.29
C ASP A 157 -7.29 -0.41 13.46
N LEU A 158 -8.49 0.18 13.61
CA LEU A 158 -8.71 1.31 14.51
C LEU A 158 -8.61 0.98 16.01
N ASN A 159 -8.87 -0.27 16.37
CA ASN A 159 -8.72 -0.72 17.76
C ASN A 159 -7.26 -0.98 18.16
N ARG A 160 -6.52 -1.66 17.29
CA ARG A 160 -5.13 -2.01 17.59
C ARG A 160 -4.11 -0.96 17.11
N GLY A 161 -4.54 -0.03 16.26
CA GLY A 161 -3.65 0.99 15.70
C GLY A 161 -2.60 0.41 14.75
N GLU A 162 -2.97 -0.67 14.06
CA GLU A 162 -2.09 -1.38 13.16
C GLU A 162 -2.53 -1.12 11.73
N LEU A 163 -1.55 -0.81 10.87
CA LEU A 163 -1.77 -0.57 9.44
C LEU A 163 -1.51 -1.83 8.60
N LYS A 164 -2.26 -2.00 7.51
CA LYS A 164 -2.08 -3.13 6.59
C LYS A 164 -2.09 -2.68 5.15
N LEU A 165 -1.15 -3.19 4.36
CA LEU A 165 -1.14 -2.98 2.93
C LEU A 165 -2.17 -3.84 2.22
N ILE A 166 -2.87 -3.26 1.27
CA ILE A 166 -3.82 -4.01 0.46
C ILE A 166 -3.61 -3.74 -1.01
N ASP A 167 -4.27 -4.56 -1.82
CA ASP A 167 -4.31 -4.43 -3.28
C ASP A 167 -2.94 -4.56 -3.97
N PHE A 168 -2.57 -5.81 -4.21
CA PHE A 168 -1.34 -6.14 -4.90
C PHE A 168 -1.54 -6.36 -6.40
N GLY A 169 -2.64 -5.86 -6.94
CA GLY A 169 -2.99 -6.09 -8.34
C GLY A 169 -2.15 -5.33 -9.36
N SER A 170 -1.37 -4.35 -8.91
CA SER A 170 -0.42 -3.66 -9.80
C SER A 170 1.02 -4.11 -9.51
N GLY A 171 1.18 -5.06 -8.61
CA GLY A 171 2.50 -5.48 -8.15
C GLY A 171 3.26 -6.36 -9.12
N ALA A 172 4.50 -6.66 -8.76
CA ALA A 172 5.35 -7.54 -9.56
C ALA A 172 6.30 -8.30 -8.65
N LEU A 173 6.93 -9.32 -9.20
CA LEU A 173 8.03 -9.96 -8.52
C LEU A 173 9.12 -8.89 -8.48
N LEU A 174 9.80 -8.79 -7.35
CA LEU A 174 10.90 -7.86 -7.20
C LEU A 174 12.07 -8.36 -8.05
N LYS A 175 12.70 -7.45 -8.79
CA LYS A 175 13.92 -7.77 -9.55
C LYS A 175 14.85 -6.57 -9.51
N ASP A 176 16.12 -6.79 -9.89
CA ASP A 176 17.15 -5.74 -9.81
C ASP A 176 17.34 -5.02 -11.13
N THR A 177 16.63 -5.48 -12.15
CA THR A 177 16.71 -4.90 -13.49
C THR A 177 15.55 -3.94 -13.70
N VAL A 178 15.62 -3.18 -14.79
CA VAL A 178 14.69 -2.08 -15.03
C VAL A 178 13.27 -2.58 -15.33
N TYR A 179 12.27 -1.83 -14.84
CA TYR A 179 10.86 -2.04 -15.18
C TYR A 179 10.48 -1.05 -16.26
N THR A 180 9.75 -1.51 -17.26
CA THR A 180 9.25 -0.65 -18.33
C THR A 180 7.73 -0.68 -18.43
N ASP A 181 7.08 -1.43 -17.54
CA ASP A 181 5.63 -1.39 -17.40
C ASP A 181 5.29 -0.79 -16.03
N PHE A 182 4.19 -0.05 -15.98
CA PHE A 182 3.67 0.50 -14.74
C PHE A 182 2.16 0.64 -14.86
N ASP A 183 1.45 0.26 -13.79
CA ASP A 183 0.01 0.31 -13.77
C ASP A 183 -0.55 0.86 -12.47
N GLY A 184 0.28 1.51 -11.68
CA GLY A 184 -0.16 2.09 -10.42
C GLY A 184 -0.71 3.47 -10.64
N THR A 185 -0.62 4.30 -9.61
CA THR A 185 -1.19 5.63 -9.63
C THR A 185 -0.17 6.63 -10.10
N ARG A 186 -0.54 7.44 -11.09
CA ARG A 186 0.41 8.30 -11.77
C ARG A 186 1.03 9.35 -10.84
N VAL A 187 0.18 10.01 -10.07
CA VAL A 187 0.63 11.07 -9.15
C VAL A 187 1.54 10.59 -8.01
N TYR A 188 1.64 9.26 -7.83
CA TYR A 188 2.62 8.63 -6.91
C TYR A 188 3.83 8.03 -7.66
N SER A 189 3.85 8.16 -8.99
CA SER A 189 4.91 7.57 -9.82
C SER A 189 6.07 8.54 -9.98
N PRO A 190 7.30 8.01 -10.05
CA PRO A 190 8.48 8.85 -10.03
C PRO A 190 8.78 9.51 -11.37
N PRO A 191 9.60 10.57 -11.35
CA PRO A 191 9.91 11.34 -12.53
C PRO A 191 10.58 10.54 -13.66
N GLU A 192 11.41 9.55 -13.29
CA GLU A 192 12.01 8.64 -14.27
C GLU A 192 10.98 7.84 -15.05
N TRP A 193 9.84 7.52 -14.44
CA TRP A 193 8.74 6.89 -15.17
C TRP A 193 8.06 7.89 -16.10
N ILE A 194 7.79 9.08 -15.59
CA ILE A 194 7.15 10.13 -16.39
C ILE A 194 7.98 10.44 -17.63
N ARG A 195 9.28 10.62 -17.45
CA ARG A 195 10.16 11.05 -18.55
C ARG A 195 10.63 9.92 -19.47
N TYR A 196 10.97 8.77 -18.92
CA TYR A 196 11.61 7.70 -19.69
C TYR A 196 10.85 6.38 -19.73
N HIS A 197 9.72 6.28 -19.05
CA HIS A 197 9.01 5.00 -18.88
C HIS A 197 9.95 3.87 -18.42
N ARG A 198 10.88 4.22 -17.53
CA ARG A 198 11.83 3.29 -16.93
C ARG A 198 11.98 3.58 -15.43
N TYR A 199 12.04 2.54 -14.60
CA TYR A 199 12.33 2.72 -13.18
C TYR A 199 12.85 1.43 -12.61
N HIS A 200 13.46 1.53 -11.43
CA HIS A 200 13.87 0.38 -10.66
C HIS A 200 13.00 0.29 -9.40
N GLY A 201 12.85 -0.93 -8.89
CA GLY A 201 11.85 -1.22 -7.87
C GLY A 201 11.97 -0.41 -6.60
N ARG A 202 13.13 -0.51 -5.96
CA ARG A 202 13.31 0.06 -4.63
C ARG A 202 13.22 1.58 -4.64
N SER A 203 13.91 2.20 -5.59
CA SER A 203 13.95 3.64 -5.65
C SER A 203 12.60 4.25 -6.04
N ALA A 204 11.83 3.57 -6.90
CA ALA A 204 10.46 3.99 -7.20
C ALA A 204 9.57 3.86 -5.96
N ALA A 205 9.73 2.77 -5.21
CA ALA A 205 8.95 2.59 -3.99
C ALA A 205 9.25 3.72 -3.01
N VAL A 206 10.52 4.10 -2.88
CA VAL A 206 10.91 5.17 -1.97
C VAL A 206 10.30 6.51 -2.37
N TRP A 207 10.24 6.80 -3.67
CA TRP A 207 9.53 7.99 -4.15
C TRP A 207 8.06 7.98 -3.73
N SER A 208 7.36 6.86 -3.95
CA SER A 208 5.95 6.78 -3.55
C SER A 208 5.78 6.97 -2.03
N LEU A 209 6.77 6.55 -1.25
CA LEU A 209 6.75 6.74 0.19
C LEU A 209 6.92 8.22 0.58
N GLY A 210 7.74 8.96 -0.15
CA GLY A 210 7.84 10.40 0.04
C GLY A 210 6.54 11.13 -0.27
N ILE A 211 5.85 10.72 -1.33
CA ILE A 211 4.52 11.24 -1.66
C ILE A 211 3.53 10.94 -0.52
N LEU A 212 3.56 9.71 -0.02
CA LEU A 212 2.69 9.27 1.08
C LEU A 212 2.95 10.06 2.35
N LEU A 213 4.23 10.23 2.70
CA LEU A 213 4.58 10.95 3.91
C LEU A 213 4.10 12.40 3.80
N TYR A 214 4.40 13.06 2.68
CA TYR A 214 3.88 14.40 2.43
C TYR A 214 2.36 14.42 2.62
N ASP A 215 1.66 13.46 2.03
CA ASP A 215 0.21 13.38 2.12
C ASP A 215 -0.28 13.32 3.57
N MET A 216 0.38 12.51 4.39
CA MET A 216 0.05 12.38 5.81
C MET A 216 0.17 13.70 6.55
N VAL A 217 1.28 14.39 6.35
CA VAL A 217 1.58 15.58 7.15
C VAL A 217 1.03 16.88 6.55
N CYS A 218 0.62 16.87 5.29
CA CYS A 218 0.02 18.05 4.67
C CYS A 218 -1.46 17.90 4.35
N GLY A 219 -1.98 16.66 4.34
CA GLY A 219 -3.37 16.40 4.06
C GLY A 219 -3.73 16.31 2.59
N ASP A 220 -2.72 16.38 1.70
CA ASP A 220 -2.93 16.19 0.27
C ASP A 220 -1.60 15.84 -0.36
N ILE A 221 -1.63 15.32 -1.58
CA ILE A 221 -0.40 14.99 -2.30
C ILE A 221 0.30 16.26 -2.81
N PRO A 222 1.62 16.19 -3.00
CA PRO A 222 2.34 17.42 -3.35
C PRO A 222 2.24 17.81 -4.83
N PHE A 223 2.12 16.83 -5.73
CA PHE A 223 2.15 17.09 -7.17
C PHE A 223 0.86 16.59 -7.83
N GLU A 224 0.31 17.42 -8.71
CA GLU A 224 -0.84 17.01 -9.53
C GLU A 224 -0.42 16.67 -10.96
N HIS A 225 0.37 17.56 -11.59
CA HIS A 225 0.71 17.44 -13.00
C HIS A 225 2.08 16.81 -13.23
N ASP A 226 2.27 16.27 -14.43
CA ASP A 226 3.55 15.70 -14.87
C ASP A 226 4.74 16.63 -14.67
N GLU A 227 4.56 17.90 -15.02
CA GLU A 227 5.64 18.91 -14.94
C GLU A 227 6.08 19.18 -13.50
N GLU A 228 5.14 19.16 -12.58
CA GLU A 228 5.45 19.30 -11.15
C GLU A 228 6.28 18.11 -10.66
N ILE A 229 5.89 16.90 -11.06
CA ILE A 229 6.64 15.68 -10.73
C ILE A 229 8.08 15.77 -11.25
N ILE A 230 8.21 16.16 -12.52
CA ILE A 230 9.52 16.29 -13.17
C ILE A 230 10.35 17.39 -12.54
N ARG A 231 9.71 18.50 -12.19
CA ARG A 231 10.41 19.59 -11.53
C ARG A 231 10.82 19.18 -10.10
N GLY A 232 9.95 18.44 -9.41
CA GLY A 232 10.29 17.88 -8.09
C GLY A 232 10.50 18.90 -6.96
N GLN A 233 9.99 20.12 -7.14
CA GLN A 233 10.09 21.16 -6.11
C GLN A 233 8.95 20.98 -5.13
N VAL A 234 9.28 20.75 -3.86
CA VAL A 234 8.26 20.49 -2.85
C VAL A 234 7.91 21.78 -2.11
N PHE A 235 6.63 22.15 -2.14
CA PHE A 235 6.14 23.27 -1.34
C PHE A 235 5.30 22.74 -0.18
N PHE A 236 5.60 23.18 1.04
CA PHE A 236 4.81 22.81 2.23
C PHE A 236 3.67 23.77 2.52
N ARG A 237 2.46 23.21 2.50
CA ARG A 237 1.23 23.96 2.66
C ARG A 237 0.74 23.99 4.12
N GLN A 238 1.32 23.12 4.96
CA GLN A 238 1.07 23.08 6.40
C GLN A 238 2.39 23.24 7.13
N ARG A 239 2.32 23.55 8.41
CA ARG A 239 3.49 23.60 9.26
C ARG A 239 4.01 22.18 9.42
N VAL A 240 5.26 21.96 9.00
CA VAL A 240 5.90 20.66 9.10
C VAL A 240 7.32 20.89 9.59
N SER A 241 7.76 20.09 10.56
CA SER A 241 9.08 20.26 11.14
C SER A 241 10.15 20.14 10.07
N SER A 242 11.30 20.74 10.34
CA SER A 242 12.41 20.74 9.40
C SER A 242 12.93 19.33 9.16
N GLU A 243 12.94 18.50 10.20
CA GLU A 243 13.42 17.14 10.08
C GLU A 243 12.48 16.34 9.17
N CYS A 244 11.17 16.56 9.27
CA CYS A 244 10.21 15.86 8.43
C CYS A 244 10.30 16.34 6.98
N GLN A 245 10.41 17.65 6.80
CA GLN A 245 10.64 18.24 5.49
C GLN A 245 11.87 17.63 4.81
N HIS A 246 12.96 17.52 5.56
CA HIS A 246 14.19 16.94 5.03
C HIS A 246 14.00 15.49 4.58
N LEU A 247 13.34 14.66 5.40
CA LEU A 247 13.11 13.27 5.02
C LEU A 247 12.27 13.21 3.75
N ILE A 248 11.22 14.01 3.67
CA ILE A 248 10.37 14.02 2.49
C ILE A 248 11.17 14.38 1.22
N ARG A 249 11.93 15.47 1.29
CA ARG A 249 12.72 15.93 0.15
C ARG A 249 13.77 14.92 -0.29
N TRP A 250 14.32 14.20 0.68
CA TRP A 250 15.26 13.13 0.40
C TRP A 250 14.58 11.98 -0.37
N CYS A 251 13.44 11.51 0.12
CA CYS A 251 12.65 10.50 -0.60
C CYS A 251 12.26 10.92 -2.00
N LEU A 252 12.04 12.21 -2.19
CA LEU A 252 11.64 12.76 -3.48
C LEU A 252 12.81 13.36 -4.28
N ALA A 253 14.02 12.88 -4.05
CA ALA A 253 15.17 13.28 -4.89
C ALA A 253 14.91 12.89 -6.35
N LEU A 254 15.21 13.81 -7.25
CA LEU A 254 14.99 13.60 -8.68
C LEU A 254 15.79 12.40 -9.21
N ARG A 255 17.05 12.30 -8.84
CA ARG A 255 17.85 11.16 -9.26
C ARG A 255 17.54 9.98 -8.35
N PRO A 256 17.14 8.83 -8.93
CA PRO A 256 16.82 7.64 -8.13
C PRO A 256 17.90 7.27 -7.13
N SER A 257 19.16 7.33 -7.55
CA SER A 257 20.28 6.93 -6.70
C SER A 257 20.55 7.88 -5.54
N ASP A 258 20.00 9.10 -5.58
CA ASP A 258 20.07 10.02 -4.44
C ASP A 258 19.02 9.77 -3.33
N ARG A 259 18.08 8.85 -3.58
CA ARG A 259 17.02 8.56 -2.60
C ARG A 259 17.54 7.63 -1.50
N PRO A 260 17.01 7.77 -0.28
CA PRO A 260 17.48 6.91 0.79
C PRO A 260 17.04 5.46 0.62
N THR A 261 17.80 4.56 1.22
CA THR A 261 17.40 3.17 1.35
C THR A 261 16.39 3.10 2.50
N PHE A 262 15.71 1.97 2.63
CA PHE A 262 14.75 1.83 3.72
C PHE A 262 15.44 2.02 5.05
N GLU A 263 16.65 1.48 5.15
CA GLU A 263 17.46 1.60 6.35
C GLU A 263 17.75 3.04 6.69
N GLU A 264 18.15 3.81 5.69
CA GLU A 264 18.40 5.24 5.90
C GLU A 264 17.14 5.99 6.31
N ILE A 265 15.99 5.63 5.74
CA ILE A 265 14.72 6.24 6.15
C ILE A 265 14.46 5.95 7.63
N GLN A 266 14.53 4.69 8.02
CA GLN A 266 14.22 4.33 9.39
C GLN A 266 15.26 4.78 10.43
N ASN A 267 16.49 5.09 9.98
CA ASN A 267 17.51 5.69 10.85
C ASN A 267 17.50 7.21 10.82
N HIS A 268 16.59 7.80 10.05
CA HIS A 268 16.50 9.25 9.99
C HIS A 268 16.01 9.83 11.33
N PRO A 269 16.55 10.99 11.76
CA PRO A 269 16.19 11.55 13.08
C PRO A 269 14.69 11.77 13.29
N TRP A 270 13.96 12.22 12.27
CA TRP A 270 12.51 12.32 12.37
C TRP A 270 11.82 10.99 12.74
N MET A 271 12.42 9.85 12.41
CA MET A 271 11.81 8.54 12.65
C MET A 271 12.09 7.90 14.03
N GLN A 272 12.82 8.60 14.91
CA GLN A 272 13.18 8.01 16.21
C GLN A 272 12.03 8.10 17.23
N ASP A 273 12.04 7.15 18.18
CA ASP A 273 11.07 7.06 19.27
C ASP A 273 9.63 6.91 18.79
N VAL A 274 9.41 6.00 17.84
CA VAL A 274 8.08 5.78 17.31
C VAL A 274 7.18 5.19 18.40
N LEU A 275 5.91 5.55 18.38
CA LEU A 275 4.94 4.95 19.28
C LEU A 275 4.68 3.53 18.83
N LEU A 276 4.34 2.68 19.79
CA LEU A 276 3.85 1.33 19.51
C LEU A 276 2.46 1.46 18.91
N PRO A 277 2.01 0.44 18.16
CA PRO A 277 0.67 0.52 17.57
C PRO A 277 -0.44 0.76 18.59
N GLN A 278 -0.43 0.01 19.69
CA GLN A 278 -1.49 0.14 20.70
C GLN A 278 -1.47 1.52 21.38
N GLU A 279 -0.28 2.04 21.66
CA GLU A 279 -0.15 3.41 22.18
C GLU A 279 -0.73 4.40 21.17
N THR A 280 -0.44 4.17 19.89
CA THR A 280 -0.95 5.02 18.83
C THR A 280 -2.48 5.03 18.84
N ALA A 281 -3.10 3.86 18.97
CA ALA A 281 -4.57 3.79 19.01
C ALA A 281 -5.12 4.53 20.24
N GLU A 282 -4.52 4.32 21.40
CA GLU A 282 -5.00 4.93 22.64
C GLU A 282 -4.94 6.46 22.60
N ILE A 283 -3.86 6.99 22.03
CA ILE A 283 -3.66 8.44 21.99
C ILE A 283 -4.44 9.10 20.86
N HIS A 284 -4.47 8.46 19.68
CA HIS A 284 -4.95 9.14 18.47
C HIS A 284 -6.21 8.58 17.84
N LEU A 285 -6.59 7.35 18.20
CA LEU A 285 -7.68 6.67 17.51
C LEU A 285 -8.90 6.33 18.39
N HIS A 286 -8.69 6.03 19.67
CA HIS A 286 -9.81 5.68 20.56
C HIS A 286 -10.53 6.95 20.97
C1 GOL B . -8.57 -24.30 -5.50
O1 GOL B . -8.97 -23.11 -6.17
C2 GOL B . -8.38 -23.97 -4.04
O2 GOL B . -9.46 -23.13 -3.60
C3 GOL B . -7.05 -23.26 -3.87
O3 GOL B . -6.99 -22.68 -2.56
C1 GOL C . -8.83 -8.58 15.71
O1 GOL C . -7.76 -9.23 16.40
C2 GOL C . -8.26 -7.44 14.88
O2 GOL C . -8.20 -6.25 15.69
C3 GOL C . -9.12 -7.18 13.64
O3 GOL C . -10.22 -6.30 13.91
F01 3U1 D . -11.05 -0.64 2.83
C02 3U1 D . -12.12 -0.90 3.59
C03 3U1 D . -12.92 0.18 3.99
C04 3U1 D . -14.05 -0.03 4.78
C05 3U1 D . -14.38 -1.33 5.16
C06 3U1 D . -13.59 -2.41 4.77
F07 3U1 D . -13.96 -3.64 5.16
C08 3U1 D . -12.44 -2.22 3.96
C09 3U1 D . -11.64 -3.32 3.56
C10 3U1 D . -11.39 -4.35 4.49
C11 3U1 D . -10.60 -5.46 4.17
C12 3U1 D . -10.02 -5.56 2.88
N13 3U1 D . -9.21 -6.53 2.32
N14 3U1 D . -8.91 -6.17 1.07
C15 3U1 D . -9.51 -5.00 0.76
C16 3U1 D . -9.36 -4.35 -0.47
C17 3U1 D . -8.67 -4.96 -1.52
N18 3U1 D . -8.50 -4.34 -2.70
C19 3U1 D . -8.98 -3.09 -2.87
C20 3U1 D . -9.66 -2.45 -1.82
O21 3U1 D . -10.13 -1.12 -2.04
C22 3U1 D . -10.82 -0.50 -0.92
C23 3U1 D . -9.92 0.50 -0.17
N24 3U1 D . -9.70 1.79 -0.88
C25 3U1 D . -10.92 2.36 -1.48
C26 3U1 D . -11.66 1.32 -2.32
C27 3U1 D . -12.01 0.14 -1.50
C28 3U1 D . -13.32 0.28 -0.73
C29 3U1 D . -13.28 -0.54 -2.00
N30 3U1 D . -9.83 -3.08 -0.64
C31 3U1 D . -10.22 -4.57 1.94
C32 3U1 D . -11.04 -3.43 2.27
#